data_8V74
#
_entry.id   8V74
#
_cell.length_a   77.848
_cell.length_b   77.848
_cell.length_c   85.529
_cell.angle_alpha   90.00
_cell.angle_beta   90.00
_cell.angle_gamma   90.00
#
_symmetry.space_group_name_H-M   'P 42 21 2'
#
loop_
_entity.id
_entity.type
_entity.pdbx_description
1 polymer 'Inositol polyphosphate multikinase'
2 non-polymer N-{4-[(5P)-5-(1H-tetrazol-5-yl)-2,1-benzoxazol-3-yl]phenyl}cyclopropanecarboxamide
3 water water
#
_entity_poly.entity_id   1
_entity_poly.type   'polypeptide(L)'
_entity_poly.pdbx_seq_one_letter_code
;GSFTSHQVAGHMYGKDKVGILQHPDGTVLKQLQPPPRGPRELEFYNMVYAADCFDGVLLELRKYLPKYYGIWSPPTAPND
LYLKLEDVTHKFNKPCIMDVKIGQKSYDPFASSEKIQQQVSKYPLMEEIGFLVLGMRVYHVHSDSYETENQHYGRSLTKE
TIKDGVSRFFHNGYCLRKDAVAASIQKIEKILQWFENQKQLNFYASSLLFVYEGSSQGGSGGEVEVRMIDFAHVFPSNTI
DEGYVYGLKHLISVLRSILDN
;
_entity_poly.pdbx_strand_id   A
#
# COMPACT_ATOMS: atom_id res chain seq x y z
N ILE A 20 12.49 6.41 0.73
CA ILE A 20 11.62 7.33 -0.06
C ILE A 20 12.07 8.77 0.16
N LEU A 21 12.44 9.44 -0.94
CA LEU A 21 12.85 10.83 -0.91
C LEU A 21 11.78 11.68 -1.58
N GLN A 22 11.22 12.64 -0.84
CA GLN A 22 10.19 13.52 -1.36
C GLN A 22 10.85 14.70 -2.07
N HIS A 23 10.43 14.93 -3.33
CA HIS A 23 10.93 16.02 -4.13
C HIS A 23 9.86 17.11 -4.18
N PRO A 24 10.22 18.41 -3.99
CA PRO A 24 9.26 19.51 -4.11
C PRO A 24 8.38 19.56 -5.36
N ASP A 25 8.79 18.86 -6.43
CA ASP A 25 8.09 18.89 -7.71
C ASP A 25 6.89 17.92 -7.70
N GLY A 26 6.58 17.33 -6.54
CA GLY A 26 5.41 16.48 -6.41
C GLY A 26 5.71 15.01 -6.73
N THR A 27 7.01 14.67 -6.76
CA THR A 27 7.42 13.29 -7.01
C THR A 27 8.15 12.75 -5.79
N VAL A 28 8.31 11.43 -5.77
CA VAL A 28 9.21 10.76 -4.83
C VAL A 28 10.25 10.01 -5.66
N LEU A 29 11.46 9.91 -5.11
CA LEU A 29 12.50 9.03 -5.64
C LEU A 29 12.60 7.83 -4.72
N LYS A 30 12.34 6.64 -5.26
CA LYS A 30 12.57 5.42 -4.51
C LYS A 30 13.82 4.73 -5.04
N GLN A 31 14.80 4.56 -4.15
CA GLN A 31 16.02 3.82 -4.48
C GLN A 31 15.65 2.36 -4.71
N LEU A 32 16.11 1.79 -5.83
CA LEU A 32 15.95 0.36 -6.06
C LEU A 32 16.53 -0.40 -4.88
N GLN A 33 15.77 -1.37 -4.37
CA GLN A 33 16.28 -2.30 -3.38
C GLN A 33 17.36 -3.17 -4.03
N PRO A 34 18.24 -3.81 -3.22
CA PRO A 34 19.25 -4.73 -3.76
C PRO A 34 18.63 -5.82 -4.63
N PRO A 35 19.41 -6.46 -5.54
CA PRO A 35 18.87 -7.51 -6.39
C PRO A 35 18.45 -8.71 -5.55
N PRO A 36 17.40 -9.47 -5.93
CA PRO A 36 16.63 -9.21 -7.15
C PRO A 36 15.44 -8.26 -7.03
N ARG A 37 15.25 -7.69 -5.84
CA ARG A 37 14.01 -6.97 -5.51
C ARG A 37 13.89 -5.69 -6.34
N GLY A 38 14.90 -4.82 -6.29
CA GLY A 38 14.86 -3.56 -7.00
C GLY A 38 14.66 -3.73 -8.51
N PRO A 39 15.50 -4.55 -9.19
CA PRO A 39 15.29 -4.85 -10.60
C PRO A 39 13.88 -5.32 -10.94
N ARG A 40 13.30 -6.15 -10.06
CA ARG A 40 11.97 -6.70 -10.29
C ARG A 40 10.92 -5.58 -10.26
N GLU A 41 11.07 -4.64 -9.33
CA GLU A 41 10.12 -3.55 -9.23
C GLU A 41 10.25 -2.63 -10.45
N LEU A 42 11.48 -2.39 -10.90
CA LEU A 42 11.71 -1.60 -12.10
C LEU A 42 10.99 -2.23 -13.29
N GLU A 43 11.16 -3.56 -13.47
CA GLU A 43 10.56 -4.24 -14.60
C GLU A 43 9.03 -4.24 -14.49
N PHE A 44 8.50 -4.30 -13.26
CA PHE A 44 7.07 -4.20 -13.04
C PHE A 44 6.54 -2.87 -13.60
N TYR A 45 7.13 -1.75 -13.16
CA TYR A 45 6.67 -0.44 -13.60
C TYR A 45 6.84 -0.33 -15.12
N ASN A 46 7.99 -0.81 -15.63
CA ASN A 46 8.27 -0.75 -17.06
C ASN A 46 7.24 -1.50 -17.88
N MET A 47 6.83 -2.68 -17.39
CA MET A 47 5.82 -3.48 -18.06
C MET A 47 4.47 -2.75 -18.06
N VAL A 48 4.08 -2.22 -16.89
CA VAL A 48 2.77 -1.60 -16.73
C VAL A 48 2.67 -0.36 -17.61
N TYR A 49 3.70 0.49 -17.56
CA TYR A 49 3.66 1.78 -18.24
C TYR A 49 4.37 1.71 -19.59
N ALA A 50 4.42 0.49 -20.17
CA ALA A 50 5.01 0.30 -21.48
C ALA A 50 4.24 1.13 -22.52
N ALA A 51 5.00 1.80 -23.40
CA ALA A 51 4.45 2.79 -24.31
C ALA A 51 3.51 2.16 -25.32
N ASP A 52 3.78 0.89 -25.70
CA ASP A 52 3.01 0.20 -26.71
C ASP A 52 2.03 -0.78 -26.07
N CYS A 53 1.75 -0.59 -24.77
CA CYS A 53 0.84 -1.48 -24.06
C CYS A 53 -0.61 -1.13 -24.42
N PHE A 54 -1.33 -2.12 -24.98
CA PHE A 54 -2.76 -2.01 -25.21
C PHE A 54 -3.50 -3.05 -24.38
N ASP A 55 -2.81 -3.65 -23.40
CA ASP A 55 -3.42 -4.62 -22.50
C ASP A 55 -4.35 -3.90 -21.53
N GLY A 56 -5.65 -4.16 -21.66
CA GLY A 56 -6.68 -3.48 -20.89
C GLY A 56 -6.49 -3.63 -19.38
N VAL A 57 -5.99 -4.80 -18.95
CA VAL A 57 -5.77 -5.07 -17.54
C VAL A 57 -4.71 -4.11 -17.01
N LEU A 58 -3.60 -3.95 -17.75
CA LEU A 58 -2.49 -3.14 -17.32
C LEU A 58 -2.84 -1.65 -17.44
N LEU A 59 -3.60 -1.29 -18.48
CA LEU A 59 -4.05 0.09 -18.65
C LEU A 59 -4.92 0.52 -17.46
N GLU A 60 -5.84 -0.35 -17.03
CA GLU A 60 -6.70 -0.04 -15.90
C GLU A 60 -5.89 0.05 -14.61
N LEU A 61 -4.87 -0.80 -14.47
CA LEU A 61 -4.10 -0.89 -13.23
C LEU A 61 -3.39 0.44 -12.94
N ARG A 62 -3.02 1.18 -13.99
CA ARG A 62 -2.27 2.42 -13.86
C ARG A 62 -2.96 3.41 -12.93
N LYS A 63 -4.30 3.44 -12.95
CA LYS A 63 -5.09 4.32 -12.11
C LYS A 63 -4.75 4.16 -10.63
N TYR A 64 -4.38 2.94 -10.23
CA TYR A 64 -4.28 2.58 -8.82
C TYR A 64 -2.83 2.60 -8.33
N LEU A 65 -1.87 2.78 -9.25
CA LEU A 65 -0.47 2.93 -8.92
C LEU A 65 -0.12 4.41 -8.84
N PRO A 66 1.05 4.77 -8.26
CA PRO A 66 1.63 6.09 -8.49
C PRO A 66 1.91 6.22 -9.98
N LYS A 67 1.73 7.43 -10.54
CA LYS A 67 2.20 7.68 -11.89
C LYS A 67 3.71 7.42 -11.92
N TYR A 68 4.16 6.86 -13.04
CA TYR A 68 5.55 6.44 -13.21
C TYR A 68 6.24 7.37 -14.19
N TYR A 69 7.40 7.91 -13.78
CA TYR A 69 8.15 8.86 -14.60
C TYR A 69 9.46 8.24 -15.07
N GLY A 70 9.57 6.91 -14.97
CA GLY A 70 10.72 6.19 -15.48
C GLY A 70 11.84 6.09 -14.47
N ILE A 71 12.89 5.37 -14.87
CA ILE A 71 14.10 5.23 -14.08
C ILE A 71 14.79 6.60 -13.98
N TRP A 72 15.43 6.84 -12.84
CA TRP A 72 16.21 8.05 -12.62
C TRP A 72 17.51 7.69 -11.91
N SER A 73 18.58 8.39 -12.27
CA SER A 73 19.84 8.30 -11.56
C SER A 73 20.50 9.69 -11.54
N PRO A 74 21.29 10.02 -10.48
CA PRO A 74 21.95 11.33 -10.43
C PRO A 74 22.82 11.53 -11.68
N PRO A 75 22.86 12.77 -12.23
CA PRO A 75 23.68 13.07 -13.41
C PRO A 75 25.11 12.54 -13.36
N THR A 76 25.68 12.48 -12.15
CA THR A 76 27.08 12.12 -11.95
C THR A 76 27.24 10.71 -11.40
N ALA A 77 26.13 9.95 -11.28
CA ALA A 77 26.17 8.63 -10.67
C ALA A 77 25.19 7.69 -11.35
N PRO A 78 25.50 7.18 -12.56
CA PRO A 78 24.66 6.20 -13.26
C PRO A 78 24.41 4.90 -12.51
N ASN A 79 25.29 4.61 -11.54
CA ASN A 79 25.19 3.42 -10.71
C ASN A 79 23.97 3.48 -9.79
N ASP A 80 23.56 4.68 -9.39
CA ASP A 80 22.61 4.85 -8.29
C ASP A 80 21.19 4.94 -8.86
N LEU A 81 20.47 3.81 -8.84
CA LEU A 81 19.22 3.65 -9.56
C LEU A 81 18.03 3.99 -8.67
N TYR A 82 17.12 4.82 -9.19
CA TYR A 82 15.87 5.15 -8.53
C TYR A 82 14.70 5.00 -9.49
N LEU A 83 13.51 4.81 -8.91
CA LEU A 83 12.26 5.02 -9.62
C LEU A 83 11.75 6.41 -9.27
N LYS A 84 11.36 7.18 -10.29
CA LYS A 84 10.72 8.46 -10.10
C LYS A 84 9.21 8.25 -10.17
N LEU A 85 8.55 8.50 -9.03
CA LEU A 85 7.14 8.17 -8.86
C LEU A 85 6.37 9.41 -8.41
N GLU A 86 5.06 9.42 -8.71
CA GLU A 86 4.15 10.38 -8.14
C GLU A 86 4.19 10.31 -6.61
N ASP A 87 4.30 11.47 -5.96
CA ASP A 87 4.08 11.57 -4.52
C ASP A 87 2.57 11.66 -4.29
N VAL A 88 2.01 10.54 -3.78
CA VAL A 88 0.58 10.38 -3.63
C VAL A 88 0.05 11.32 -2.54
N THR A 89 0.94 11.84 -1.69
CA THR A 89 0.55 12.72 -0.59
C THR A 89 0.60 14.20 -0.98
N HIS A 90 1.05 14.51 -2.21
CA HIS A 90 1.46 15.87 -2.55
C HIS A 90 0.30 16.87 -2.45
N LYS A 91 -0.91 16.47 -2.86
CA LYS A 91 -2.03 17.39 -2.97
C LYS A 91 -2.69 17.66 -1.61
N PHE A 92 -2.17 17.07 -0.54
CA PHE A 92 -2.76 17.25 0.79
C PHE A 92 -2.01 18.32 1.57
N ASN A 93 -2.72 18.97 2.50
CA ASN A 93 -2.15 20.01 3.35
C ASN A 93 -1.49 19.37 4.57
N LYS A 94 -2.29 18.63 5.35
CA LYS A 94 -1.79 17.85 6.48
C LYS A 94 -2.11 16.39 6.22
N PRO A 95 -1.35 15.69 5.34
CA PRO A 95 -1.67 14.31 5.00
C PRO A 95 -1.55 13.38 6.21
N CYS A 96 -2.62 12.61 6.44
CA CYS A 96 -2.58 11.46 7.32
C CYS A 96 -2.31 10.23 6.46
N ILE A 97 -1.25 9.49 6.79
CA ILE A 97 -0.74 8.45 5.92
C ILE A 97 -0.75 7.12 6.68
N MET A 98 -1.22 6.06 6.02
CA MET A 98 -1.11 4.71 6.56
C MET A 98 -0.72 3.77 5.44
N ASP A 99 0.29 2.93 5.73
CA ASP A 99 0.78 1.92 4.81
C ASP A 99 0.33 0.56 5.34
N VAL A 100 -0.40 -0.20 4.51
CA VAL A 100 -0.89 -1.51 4.89
C VAL A 100 -0.40 -2.54 3.89
N LYS A 101 0.40 -3.51 4.35
CA LYS A 101 0.81 -4.64 3.53
C LYS A 101 -0.38 -5.58 3.36
N ILE A 102 -0.61 -6.04 2.13
CA ILE A 102 -1.78 -6.82 1.75
C ILE A 102 -1.36 -8.24 1.40
N GLY A 103 -2.15 -9.22 1.86
CA GLY A 103 -2.01 -10.61 1.44
C GLY A 103 -1.90 -11.56 2.62
N GLN A 104 -1.98 -12.85 2.32
CA GLN A 104 -1.86 -13.90 3.32
C GLN A 104 -0.41 -14.36 3.45
N LYS A 105 0.38 -14.15 2.39
CA LYS A 105 1.78 -14.53 2.37
C LYS A 105 2.60 -13.31 1.96
N SER A 106 3.66 -13.02 2.73
CA SER A 106 4.57 -11.93 2.38
C SER A 106 5.86 -12.48 1.76
N TYR A 107 5.93 -13.80 1.60
CA TYR A 107 7.00 -14.43 0.83
C TYR A 107 6.46 -14.76 -0.56
N ASP A 108 7.36 -14.91 -1.54
CA ASP A 108 6.95 -15.08 -2.92
C ASP A 108 7.11 -16.56 -3.30
N PRO A 109 6.65 -16.98 -4.52
CA PRO A 109 6.65 -18.39 -4.89
C PRO A 109 8.01 -19.07 -5.02
N PHE A 110 9.10 -18.28 -4.95
CA PHE A 110 10.44 -18.81 -5.16
C PHE A 110 11.31 -18.58 -3.92
N ALA A 111 10.66 -18.41 -2.77
CA ALA A 111 11.37 -18.20 -1.52
C ALA A 111 11.89 -19.54 -1.00
N SER A 112 13.07 -19.50 -0.37
CA SER A 112 13.65 -20.65 0.30
C SER A 112 12.89 -20.92 1.61
N SER A 113 13.11 -22.11 2.17
CA SER A 113 12.50 -22.50 3.44
C SER A 113 12.82 -21.48 4.52
N GLU A 114 14.08 -21.05 4.57
CA GLU A 114 14.56 -20.10 5.55
C GLU A 114 13.84 -18.76 5.36
N LYS A 115 13.72 -18.34 4.09
CA LYS A 115 13.09 -17.07 3.75
C LYS A 115 11.62 -17.08 4.17
N ILE A 116 10.93 -18.20 3.92
CA ILE A 116 9.54 -18.35 4.30
C ILE A 116 9.39 -18.19 5.82
N GLN A 117 10.24 -18.91 6.57
CA GLN A 117 10.24 -18.83 8.03
C GLN A 117 10.48 -17.39 8.49
N GLN A 118 11.44 -16.72 7.86
CA GLN A 118 11.77 -15.35 8.18
C GLN A 118 10.53 -14.47 7.98
N GLN A 119 9.86 -14.63 6.83
CA GLN A 119 8.73 -13.78 6.48
C GLN A 119 7.54 -14.05 7.40
N VAL A 120 7.25 -15.33 7.67
CA VAL A 120 6.09 -15.67 8.50
C VAL A 120 6.35 -15.23 9.93
N SER A 121 7.59 -15.36 10.41
CA SER A 121 7.93 -14.99 11.78
C SER A 121 7.80 -13.48 11.99
N LYS A 122 8.01 -12.68 10.94
CA LYS A 122 7.87 -11.23 11.04
C LYS A 122 6.45 -10.88 11.47
N TYR A 123 5.47 -11.64 10.98
CA TYR A 123 4.09 -11.48 11.41
C TYR A 123 3.31 -12.76 11.12
N PRO A 124 3.24 -13.70 12.09
CA PRO A 124 2.62 -15.01 11.86
C PRO A 124 1.10 -15.00 11.70
N LEU A 125 0.48 -13.82 11.87
CA LEU A 125 -0.96 -13.68 11.73
C LEU A 125 -1.36 -13.27 10.31
N MET A 126 -0.39 -13.26 9.39
CA MET A 126 -0.64 -12.74 8.06
C MET A 126 -1.68 -13.61 7.33
N GLU A 127 -1.58 -14.92 7.51
CA GLU A 127 -2.48 -15.86 6.86
C GLU A 127 -3.92 -15.63 7.37
N GLU A 128 -4.04 -15.39 8.69
CA GLU A 128 -5.33 -15.28 9.35
C GLU A 128 -6.00 -13.95 9.00
N ILE A 129 -5.23 -12.85 9.05
CA ILE A 129 -5.81 -11.52 8.93
C ILE A 129 -5.76 -11.03 7.49
N GLY A 130 -4.66 -11.30 6.78
CA GLY A 130 -4.55 -10.99 5.37
C GLY A 130 -4.04 -9.58 5.09
N PHE A 131 -3.65 -8.86 6.16
CA PHE A 131 -3.00 -7.57 6.02
C PHE A 131 -2.21 -7.26 7.29
N LEU A 132 -1.28 -6.32 7.16
CA LEU A 132 -0.43 -5.88 8.25
C LEU A 132 -0.18 -4.38 8.10
N VAL A 133 -0.50 -3.62 9.15
CA VAL A 133 -0.22 -2.19 9.16
C VAL A 133 1.28 -2.01 9.34
N LEU A 134 1.92 -1.37 8.34
CA LEU A 134 3.36 -1.16 8.35
C LEU A 134 3.70 0.11 9.14
N GLY A 135 2.81 1.10 9.07
CA GLY A 135 2.98 2.32 9.83
C GLY A 135 1.82 3.29 9.58
N MET A 136 1.73 4.31 10.42
CA MET A 136 0.80 5.40 10.16
C MET A 136 1.36 6.69 10.76
N ARG A 137 0.95 7.80 10.14
CA ARG A 137 1.23 9.13 10.63
C ARG A 137 -0.10 9.88 10.63
N VAL A 138 -0.56 10.32 11.81
CA VAL A 138 -1.88 10.89 11.97
C VAL A 138 -1.73 12.31 12.53
N TYR A 139 -2.31 13.29 11.82
CA TYR A 139 -2.34 14.67 12.29
C TYR A 139 -3.41 14.82 13.36
N HIS A 140 -3.04 15.47 14.47
CA HIS A 140 -3.98 15.78 15.54
C HIS A 140 -4.20 17.29 15.57
N VAL A 141 -5.47 17.69 15.44
CA VAL A 141 -5.85 19.08 15.24
C VAL A 141 -5.57 19.88 16.51
N HIS A 142 -5.93 19.31 17.67
CA HIS A 142 -5.94 20.05 18.92
C HIS A 142 -4.51 20.32 19.40
N SER A 143 -3.56 19.48 18.99
CA SER A 143 -2.17 19.63 19.41
C SER A 143 -1.29 20.17 18.29
N ASP A 144 -1.84 20.27 17.07
CA ASP A 144 -1.10 20.70 15.90
C ASP A 144 0.17 19.85 15.77
N SER A 145 -0.01 18.53 15.80
CA SER A 145 1.11 17.61 15.83
C SER A 145 0.71 16.27 15.19
N TYR A 146 1.73 15.43 14.93
CA TYR A 146 1.55 14.13 14.31
C TYR A 146 1.86 13.02 15.30
N GLU A 147 0.99 12.01 15.37
CA GLU A 147 1.30 10.73 15.99
C GLU A 147 1.85 9.78 14.92
N THR A 148 2.99 9.14 15.21
CA THR A 148 3.54 8.15 14.30
C THR A 148 3.56 6.78 14.98
N GLU A 149 3.17 5.75 14.23
CA GLU A 149 3.33 4.38 14.64
C GLU A 149 4.27 3.69 13.65
N ASN A 150 5.21 2.90 14.20
CA ASN A 150 6.23 2.21 13.41
C ASN A 150 5.77 0.78 13.16
N GLN A 151 6.67 -0.04 12.60
CA GLN A 151 6.33 -1.40 12.17
C GLN A 151 5.89 -2.27 13.34
N HIS A 152 6.38 -1.98 14.55
CA HIS A 152 6.09 -2.80 15.72
C HIS A 152 4.63 -2.64 16.15
N TYR A 153 4.02 -1.51 15.80
CA TYR A 153 2.61 -1.27 16.11
C TYR A 153 1.74 -2.34 15.45
N GLY A 154 1.79 -2.40 14.11
CA GLY A 154 0.94 -3.30 13.35
C GLY A 154 1.26 -4.77 13.62
N ARG A 155 2.55 -5.07 13.85
CA ARG A 155 2.98 -6.43 14.13
C ARG A 155 2.52 -6.88 15.52
N SER A 156 2.04 -5.93 16.35
CA SER A 156 1.52 -6.24 17.67
C SER A 156 0.03 -6.55 17.63
N LEU A 157 -0.63 -6.26 16.50
CA LEU A 157 -2.08 -6.35 16.43
C LEU A 157 -2.50 -7.79 16.20
N THR A 158 -3.60 -8.17 16.87
CA THR A 158 -4.19 -9.50 16.78
C THR A 158 -5.61 -9.37 16.25
N LYS A 159 -6.28 -10.51 16.09
CA LYS A 159 -7.68 -10.53 15.69
C LYS A 159 -8.50 -9.69 16.66
N GLU A 160 -8.11 -9.70 17.96
CA GLU A 160 -8.86 -9.03 19.00
C GLU A 160 -8.67 -7.51 18.92
N THR A 161 -7.53 -7.05 18.40
CA THR A 161 -7.18 -5.64 18.49
C THR A 161 -7.05 -4.98 17.11
N ILE A 162 -7.30 -5.71 16.01
CA ILE A 162 -7.05 -5.18 14.68
C ILE A 162 -8.03 -4.03 14.37
N LYS A 163 -9.29 -4.14 14.80
CA LYS A 163 -10.26 -3.10 14.47
C LYS A 163 -9.85 -1.77 15.11
N ASP A 164 -9.56 -1.80 16.42
CA ASP A 164 -9.12 -0.60 17.13
C ASP A 164 -7.76 -0.14 16.61
N GLY A 165 -6.91 -1.11 16.24
CA GLY A 165 -5.60 -0.81 15.68
C GLY A 165 -5.70 0.02 14.41
N VAL A 166 -6.66 -0.34 13.54
CA VAL A 166 -6.88 0.37 12.29
C VAL A 166 -7.59 1.71 12.55
N SER A 167 -8.55 1.72 13.49
N SER A 167 -8.57 1.69 13.47
CA SER A 167 -9.37 2.90 13.70
CA SER A 167 -9.37 2.85 13.80
C SER A 167 -8.54 4.06 14.25
C SER A 167 -8.48 4.04 14.14
N ARG A 168 -7.37 3.77 14.84
CA ARG A 168 -6.47 4.80 15.32
C ARG A 168 -6.09 5.78 14.21
N PHE A 169 -5.92 5.25 12.98
CA PHE A 169 -5.55 6.05 11.83
C PHE A 169 -6.54 7.18 11.58
N PHE A 170 -7.81 6.94 11.91
CA PHE A 170 -8.90 7.83 11.54
C PHE A 170 -9.35 8.70 12.72
N HIS A 171 -8.57 8.74 13.81
CA HIS A 171 -8.89 9.58 14.95
C HIS A 171 -7.98 10.80 14.93
N ASN A 172 -8.60 11.99 14.82
CA ASN A 172 -7.89 13.26 14.77
C ASN A 172 -7.78 13.87 16.17
N GLY A 173 -8.26 13.16 17.19
CA GLY A 173 -8.20 13.62 18.56
C GLY A 173 -9.44 14.43 18.97
N TYR A 174 -10.52 14.31 18.19
CA TYR A 174 -11.80 14.90 18.57
C TYR A 174 -12.96 14.13 17.94
N CYS A 175 -12.80 13.66 16.70
CA CYS A 175 -13.80 12.80 16.09
C CYS A 175 -13.14 11.64 15.35
N LEU A 176 -13.91 10.57 15.16
CA LEU A 176 -13.56 9.50 14.23
C LEU A 176 -13.96 9.95 12.82
N ARG A 177 -13.00 9.92 11.88
CA ARG A 177 -13.22 10.42 10.54
C ARG A 177 -13.92 9.35 9.70
N LYS A 178 -15.22 9.15 9.95
CA LYS A 178 -15.98 8.13 9.25
C LYS A 178 -16.10 8.46 7.76
N ASP A 179 -16.00 9.75 7.40
CA ASP A 179 -15.95 10.15 6.00
C ASP A 179 -14.75 9.50 5.30
N ALA A 180 -13.58 9.55 5.93
CA ALA A 180 -12.37 9.00 5.34
C ALA A 180 -12.45 7.47 5.32
N VAL A 181 -13.09 6.89 6.35
CA VAL A 181 -13.27 5.44 6.42
C VAL A 181 -14.15 4.98 5.25
N ALA A 182 -15.28 5.67 5.04
CA ALA A 182 -16.20 5.30 3.98
C ALA A 182 -15.54 5.45 2.61
N ALA A 183 -14.84 6.58 2.40
CA ALA A 183 -14.13 6.83 1.15
C ALA A 183 -13.09 5.72 0.90
N SER A 184 -12.41 5.29 1.98
CA SER A 184 -11.37 4.27 1.87
C SER A 184 -11.98 2.95 1.39
N ILE A 185 -13.16 2.59 1.92
CA ILE A 185 -13.85 1.39 1.50
C ILE A 185 -14.15 1.47 0.01
N GLN A 186 -14.64 2.62 -0.45
CA GLN A 186 -15.11 2.79 -1.82
C GLN A 186 -13.95 2.65 -2.80
N LYS A 187 -12.79 3.18 -2.42
CA LYS A 187 -11.62 3.15 -3.29
C LYS A 187 -10.96 1.76 -3.26
N ILE A 188 -10.93 1.11 -2.09
CA ILE A 188 -10.44 -0.26 -2.00
C ILE A 188 -11.32 -1.16 -2.89
N GLU A 189 -12.63 -0.91 -2.91
CA GLU A 189 -13.56 -1.76 -3.67
C GLU A 189 -13.19 -1.74 -5.15
N LYS A 190 -12.77 -0.59 -5.67
CA LYS A 190 -12.40 -0.48 -7.07
C LYS A 190 -11.15 -1.29 -7.35
N ILE A 191 -10.20 -1.28 -6.40
CA ILE A 191 -8.99 -2.08 -6.52
C ILE A 191 -9.34 -3.56 -6.48
N LEU A 192 -10.27 -3.94 -5.59
CA LEU A 192 -10.73 -5.32 -5.50
C LEU A 192 -11.36 -5.74 -6.83
N GLN A 193 -12.16 -4.85 -7.42
CA GLN A 193 -12.79 -5.13 -8.70
C GLN A 193 -11.74 -5.38 -9.77
N TRP A 194 -10.64 -4.62 -9.75
CA TRP A 194 -9.57 -4.84 -10.69
C TRP A 194 -9.00 -6.26 -10.52
N PHE A 195 -8.73 -6.63 -9.26
CA PHE A 195 -8.14 -7.93 -8.96
C PHE A 195 -9.06 -9.07 -9.41
N GLU A 196 -10.37 -8.86 -9.31
CA GLU A 196 -11.31 -9.91 -9.67
C GLU A 196 -11.54 -9.97 -11.18
N ASN A 197 -10.86 -9.07 -11.93
CA ASN A 197 -10.96 -9.07 -13.38
C ASN A 197 -9.57 -9.23 -14.00
N GLN A 198 -8.65 -9.89 -13.28
CA GLN A 198 -7.34 -10.20 -13.82
C GLN A 198 -6.83 -11.50 -13.19
N LYS A 199 -6.20 -12.34 -14.02
CA LYS A 199 -5.52 -13.54 -13.57
C LYS A 199 -4.15 -13.64 -14.25
N GLN A 200 -3.36 -12.56 -14.17
CA GLN A 200 -2.07 -12.52 -14.84
C GLN A 200 -0.96 -12.02 -13.92
N LEU A 201 -1.31 -11.48 -12.75
CA LEU A 201 -0.32 -10.99 -11.78
C LEU A 201 -0.74 -11.38 -10.37
N ASN A 202 0.23 -11.86 -9.58
CA ASN A 202 0.06 -12.08 -8.16
C ASN A 202 1.07 -11.20 -7.41
N PHE A 203 0.62 -10.59 -6.31
CA PHE A 203 1.35 -9.54 -5.62
C PHE A 203 1.66 -9.97 -4.18
N TYR A 204 2.95 -10.07 -3.86
CA TYR A 204 3.38 -10.47 -2.52
C TYR A 204 4.16 -9.32 -1.89
N ALA A 205 3.92 -9.11 -0.59
CA ALA A 205 4.58 -8.07 0.19
C ALA A 205 4.39 -6.68 -0.43
N SER A 206 3.28 -6.46 -1.14
N SER A 206 3.26 -6.47 -1.10
CA SER A 206 2.95 -5.14 -1.64
CA SER A 206 2.88 -5.18 -1.65
C SER A 206 1.96 -4.48 -0.68
C SER A 206 1.96 -4.48 -0.66
N SER A 207 1.81 -3.16 -0.81
CA SER A 207 1.07 -2.35 0.14
C SER A 207 -0.02 -1.50 -0.53
N LEU A 208 -0.99 -1.09 0.29
CA LEU A 208 -1.86 0.03 0.00
C LEU A 208 -1.41 1.22 0.84
N LEU A 209 -1.26 2.37 0.17
CA LEU A 209 -0.99 3.62 0.85
C LEU A 209 -2.30 4.39 0.94
N PHE A 210 -2.72 4.65 2.19
CA PHE A 210 -3.91 5.43 2.48
C PHE A 210 -3.48 6.85 2.83
N VAL A 211 -4.16 7.83 2.24
CA VAL A 211 -3.93 9.22 2.60
C VAL A 211 -5.28 9.91 2.73
N TYR A 212 -5.46 10.69 3.80
CA TYR A 212 -6.60 11.59 3.90
C TYR A 212 -6.13 12.93 4.46
N GLU A 213 -7.00 13.93 4.35
CA GLU A 213 -6.68 15.29 4.73
C GLU A 213 -6.97 15.47 6.23
N GLY A 214 -5.91 15.76 7.00
CA GLY A 214 -6.00 15.91 8.44
C GLY A 214 -6.42 17.32 8.87
N SER A 215 -6.27 18.31 7.99
CA SER A 215 -6.71 19.66 8.28
C SER A 215 -8.14 19.86 7.76
N SER A 220 -13.01 20.97 1.92
CA SER A 220 -11.98 19.91 1.76
C SER A 220 -12.26 18.70 2.63
N GLY A 221 -13.46 18.12 2.44
CA GLY A 221 -13.97 17.04 3.27
C GLY A 221 -13.43 15.67 2.82
N GLY A 222 -14.33 14.82 2.29
CA GLY A 222 -14.08 13.39 2.17
C GLY A 222 -13.02 13.00 1.15
N GLU A 223 -11.86 13.68 1.19
CA GLU A 223 -10.81 13.54 0.18
C GLU A 223 -9.82 12.47 0.61
N VAL A 224 -9.63 11.46 -0.23
CA VAL A 224 -8.84 10.29 0.15
C VAL A 224 -8.07 9.76 -1.06
N GLU A 225 -6.85 9.28 -0.80
CA GLU A 225 -6.11 8.47 -1.77
C GLU A 225 -5.92 7.08 -1.20
N VAL A 226 -6.09 6.10 -2.06
CA VAL A 226 -5.71 4.72 -1.72
C VAL A 226 -4.94 4.21 -2.97
N ARG A 227 -3.64 4.04 -2.84
CA ARG A 227 -2.85 3.55 -3.96
C ARG A 227 -1.97 2.31 -3.66
N MET A 228 -1.82 1.47 -4.66
CA MET A 228 -0.99 0.31 -4.54
C MET A 228 0.46 0.73 -4.70
N ILE A 229 1.33 0.25 -3.82
CA ILE A 229 2.76 0.53 -3.90
C ILE A 229 3.58 -0.73 -3.56
N ASP A 230 4.87 -0.68 -3.93
CA ASP A 230 5.90 -1.61 -3.48
C ASP A 230 5.79 -2.94 -4.22
N PHE A 231 6.47 -3.05 -5.37
CA PHE A 231 6.23 -4.13 -6.32
C PHE A 231 7.48 -4.96 -6.57
N ALA A 232 8.25 -5.20 -5.50
CA ALA A 232 9.47 -5.99 -5.59
C ALA A 232 9.16 -7.50 -5.63
N HIS A 233 7.90 -7.90 -5.37
CA HIS A 233 7.53 -9.31 -5.43
C HIS A 233 6.20 -9.50 -6.16
N VAL A 234 6.12 -8.97 -7.38
CA VAL A 234 4.98 -9.19 -8.24
C VAL A 234 5.38 -10.20 -9.32
N PHE A 235 4.56 -11.24 -9.49
CA PHE A 235 4.92 -12.35 -10.35
C PHE A 235 3.80 -12.63 -11.36
N PRO A 236 4.14 -13.15 -12.57
CA PRO A 236 3.12 -13.65 -13.49
C PRO A 236 2.37 -14.82 -12.85
N SER A 237 1.10 -14.97 -13.23
CA SER A 237 0.22 -15.95 -12.62
C SER A 237 -0.81 -16.42 -13.65
N ASN A 238 -1.45 -17.56 -13.35
CA ASN A 238 -2.54 -18.09 -14.15
C ASN A 238 -3.85 -17.99 -13.38
N THR A 239 -3.81 -17.43 -12.15
CA THR A 239 -4.91 -17.54 -11.21
C THR A 239 -5.24 -16.17 -10.62
N ILE A 240 -6.44 -16.09 -10.02
CA ILE A 240 -6.80 -14.99 -9.14
C ILE A 240 -5.77 -14.90 -8.02
N ASP A 241 -5.43 -13.68 -7.62
CA ASP A 241 -4.57 -13.48 -6.46
C ASP A 241 -5.43 -13.62 -5.21
N GLU A 242 -5.67 -14.87 -4.79
CA GLU A 242 -6.64 -15.18 -3.75
C GLU A 242 -6.24 -14.53 -2.43
N GLY A 243 -4.94 -14.51 -2.12
CA GLY A 243 -4.46 -13.95 -0.86
C GLY A 243 -4.69 -12.44 -0.80
N TYR A 244 -4.45 -11.76 -1.92
CA TYR A 244 -4.62 -10.32 -1.98
C TYR A 244 -6.11 -9.98 -1.84
N VAL A 245 -6.95 -10.74 -2.57
CA VAL A 245 -8.38 -10.56 -2.52
C VAL A 245 -8.87 -10.73 -1.07
N TYR A 246 -8.46 -11.83 -0.41
CA TYR A 246 -8.83 -12.09 0.97
C TYR A 246 -8.48 -10.90 1.87
N GLY A 247 -7.26 -10.37 1.69
CA GLY A 247 -6.78 -9.23 2.46
C GLY A 247 -7.62 -7.99 2.27
N LEU A 248 -7.96 -7.69 1.01
CA LEU A 248 -8.81 -6.55 0.69
C LEU A 248 -10.19 -6.74 1.32
N LYS A 249 -10.75 -7.94 1.18
CA LYS A 249 -12.07 -8.25 1.71
C LYS A 249 -12.10 -8.04 3.22
N HIS A 250 -11.06 -8.53 3.91
CA HIS A 250 -11.01 -8.42 5.36
C HIS A 250 -10.84 -6.96 5.77
N LEU A 251 -9.97 -6.23 5.06
CA LEU A 251 -9.73 -4.84 5.36
C LEU A 251 -11.03 -4.04 5.19
N ILE A 252 -11.77 -4.33 4.12
CA ILE A 252 -13.06 -3.70 3.88
C ILE A 252 -14.01 -4.00 5.05
N SER A 253 -14.03 -5.27 5.49
N SER A 253 -14.02 -5.26 5.50
CA SER A 253 -14.92 -5.69 6.57
CA SER A 253 -14.93 -5.68 6.57
C SER A 253 -14.60 -4.94 7.86
C SER A 253 -14.60 -4.94 7.87
N VAL A 254 -13.32 -4.78 8.15
CA VAL A 254 -12.88 -4.08 9.36
C VAL A 254 -13.30 -2.61 9.27
N LEU A 255 -13.02 -1.96 8.13
CA LEU A 255 -13.37 -0.56 7.93
C LEU A 255 -14.89 -0.39 8.04
N ARG A 256 -15.65 -1.34 7.50
CA ARG A 256 -17.11 -1.28 7.57
C ARG A 256 -17.58 -1.28 9.02
N SER A 257 -16.98 -2.12 9.87
CA SER A 257 -17.40 -2.20 11.27
C SER A 257 -17.08 -0.91 12.01
N ILE A 258 -16.01 -0.22 11.59
CA ILE A 258 -15.61 1.04 12.21
C ILE A 258 -16.67 2.11 11.95
N LEU A 259 -17.39 1.98 10.82
CA LEU A 259 -18.46 2.90 10.50
C LEU A 259 -19.61 2.79 11.52
N ASP A 260 -19.65 1.72 12.32
CA ASP A 260 -20.69 1.52 13.31
C ASP A 260 -20.27 2.00 14.71
N ASN A 261 -19.06 2.56 14.84
CA ASN A 261 -18.54 2.97 16.14
C ASN A 261 -19.42 4.07 16.74
#